data_4ANO
#
_entry.id   4ANO
#
_cell.length_a   74.622
_cell.length_b   74.622
_cell.length_c   83.545
_cell.angle_alpha   90.00
_cell.angle_beta   90.00
_cell.angle_gamma   90.00
#
_symmetry.space_group_name_H-M   'P 41 21 2'
#
loop_
_entity.id
_entity.type
_entity.pdbx_description
1 polymer ESSB
2 non-polymer 'CHLORIDE ION'
3 non-polymer 'SODIUM ION'
4 water water
#
_entity_poly.entity_id   1
_entity_poly.type   'polypeptide(L)'
_entity_poly.pdbx_seq_one_letter_code
;GASTSEKKTYLETQLDAV(MSE)INDQPYTVIFQRAKLK(MSE)QDPLELEVLKEVDPCIVRDIDVSEDEVKVVIKPPSS
FLTFAAIRKTTLLSRIRAAIHLVSKVKHHSARRLIFIVCPENL(MSE)FNRALEPFFLHVGVKESLPPDEWDDERLLREV
KATVLALTEGEYRFDEYLKFHETLKCSPIAKELWQADHLDAVLAVLEKWVDEEEAKERAKVHIPKKRWN(MSE)Q
;
_entity_poly.pdbx_strand_id   A
#
loop_
_chem_comp.id
_chem_comp.type
_chem_comp.name
_chem_comp.formula
CL non-polymer 'CHLORIDE ION' 'Cl -1'
NA non-polymer 'SODIUM ION' 'Na 1'
#
# COMPACT_ATOMS: atom_id res chain seq x y z
N SER A 5 -20.18 -12.13 8.81
CA SER A 5 -20.36 -10.93 9.67
C SER A 5 -19.25 -9.91 9.38
N GLU A 6 -18.41 -9.64 10.39
CA GLU A 6 -17.24 -8.76 10.25
C GLU A 6 -15.94 -9.55 10.01
N LYS A 7 -15.54 -9.71 8.76
N LYS A 7 -15.59 -9.59 8.72
N LYS A 7 -15.54 -9.63 8.74
CA LYS A 7 -14.31 -10.46 8.47
CA LYS A 7 -14.40 -10.21 8.18
CA LYS A 7 -14.28 -10.27 8.35
C LYS A 7 -13.09 -9.53 8.42
C LYS A 7 -13.19 -9.31 8.47
C LYS A 7 -13.08 -9.37 8.69
N LYS A 8 -12.04 -9.84 9.19
N LYS A 8 -12.09 -9.90 8.91
N LYS A 8 -11.93 -9.99 9.00
CA LYS A 8 -10.84 -8.99 9.21
CA LYS A 8 -10.84 -9.16 9.08
CA LYS A 8 -10.67 -9.26 9.12
C LYS A 8 -10.22 -8.75 7.82
C LYS A 8 -10.33 -8.72 7.71
C LYS A 8 -10.20 -8.78 7.74
N THR A 9 -9.71 -7.54 7.64
CA THR A 9 -9.15 -7.08 6.36
C THR A 9 -7.73 -7.66 6.19
N TYR A 10 -7.12 -7.44 5.05
CA TYR A 10 -5.75 -7.92 4.90
C TYR A 10 -4.82 -7.26 5.99
N LEU A 11 -4.89 -5.95 6.13
N LEU A 11 -4.95 -5.94 6.13
CA LEU A 11 -4.13 -5.24 7.16
CA LEU A 11 -4.17 -5.15 7.10
C LEU A 11 -4.32 -5.92 8.49
C LEU A 11 -4.35 -5.66 8.53
N GLU A 12 -5.59 -6.03 8.90
CA GLU A 12 -5.83 -6.64 10.25
C GLU A 12 -5.20 -7.98 10.45
N THR A 13 -5.33 -8.85 9.47
CA THR A 13 -4.78 -10.16 9.48
C THR A 13 -3.24 -10.15 9.51
N GLN A 14 -2.60 -9.34 8.66
CA GLN A 14 -1.12 -9.32 8.64
C GLN A 14 -0.56 -8.70 9.95
N LEU A 15 -1.27 -7.76 10.53
CA LEU A 15 -0.77 -7.11 11.79
C LEU A 15 -1.16 -7.93 13.01
N ASP A 16 -2.10 -8.88 12.87
CA ASP A 16 -2.84 -9.48 14.00
C ASP A 16 -3.36 -8.35 14.92
N ALA A 17 -4.04 -7.36 14.35
CA ALA A 17 -4.46 -6.18 15.13
C ALA A 17 -5.87 -5.86 14.73
N VAL A 18 -6.48 -4.92 15.44
CA VAL A 18 -7.85 -4.57 15.21
C VAL A 18 -7.88 -3.09 14.78
N MSE A 19 -8.58 -2.78 13.68
N MSE A 19 -8.49 -2.83 13.62
CA MSE A 19 -8.79 -1.37 13.31
CA MSE A 19 -8.92 -1.48 13.25
C MSE A 19 -10.15 -0.84 13.82
C MSE A 19 -10.22 -1.22 14.00
O MSE A 19 -11.14 -0.81 13.08
O MSE A 19 -11.26 -1.77 13.60
CB MSE A 19 -8.66 -1.17 11.79
CB MSE A 19 -9.28 -1.40 11.77
CG MSE A 19 -7.52 -1.94 11.12
CG MSE A 19 -9.42 0.02 11.14
SE MSE A 19 -5.86 -0.96 10.72
SE MSE A 19 -7.68 0.90 10.98
CE MSE A 19 -6.52 0.31 9.39
CE MSE A 19 -6.79 -0.16 9.62
N ILE A 20 -10.15 -0.41 15.09
CA ILE A 20 -11.36 -0.08 15.86
C ILE A 20 -12.07 1.16 15.41
N ASN A 21 -11.41 1.91 14.53
CA ASN A 21 -11.95 3.17 14.07
C ASN A 21 -11.32 3.48 12.71
N ASP A 22 -12.08 4.20 11.90
CA ASP A 22 -11.54 4.70 10.63
C ASP A 22 -11.64 6.23 10.57
N GLN A 23 -12.23 6.81 11.62
CA GLN A 23 -12.31 8.27 11.74
C GLN A 23 -12.04 8.70 13.17
N PRO A 24 -10.76 8.87 13.54
CA PRO A 24 -9.54 8.68 12.80
C PRO A 24 -9.12 7.22 12.85
N TYR A 25 -8.36 6.83 11.84
N TYR A 25 -8.31 6.81 11.86
N TYR A 25 -8.36 6.78 11.84
CA TYR A 25 -7.71 5.57 11.82
CA TYR A 25 -7.73 5.45 11.71
CA TYR A 25 -7.92 5.41 11.77
C TYR A 25 -7.13 5.26 13.20
C TYR A 25 -6.92 5.03 12.95
C TYR A 25 -7.09 5.13 13.01
N THR A 26 -7.45 4.07 13.70
CA THR A 26 -6.87 3.66 14.99
C THR A 26 -6.62 2.17 14.96
N VAL A 27 -5.37 1.76 15.28
CA VAL A 27 -5.05 0.34 15.24
C VAL A 27 -4.66 -0.04 16.68
N ILE A 28 -5.11 -1.22 17.10
N ILE A 28 -5.16 -1.16 17.18
CA ILE A 28 -4.91 -1.72 18.46
CA ILE A 28 -4.78 -1.59 18.53
C ILE A 28 -4.17 -3.07 18.40
C ILE A 28 -4.22 -2.99 18.53
N PHE A 29 -2.99 -3.13 19.04
CA PHE A 29 -2.26 -4.40 19.08
C PHE A 29 -2.23 -4.86 20.58
N GLN A 30 -2.12 -6.16 20.78
CA GLN A 30 -1.84 -6.75 22.11
C GLN A 30 -0.37 -6.80 22.37
N ARG A 31 0.08 -6.15 23.45
CA ARG A 31 1.47 -6.02 23.76
C ARG A 31 2.15 -7.41 23.91
N ALA A 32 1.40 -8.36 24.43
CA ALA A 32 1.90 -9.66 24.68
C ALA A 32 2.36 -10.37 23.40
N LYS A 33 1.79 -9.95 22.27
CA LYS A 33 2.07 -10.57 21.01
C LYS A 33 3.23 -9.91 20.21
N LEU A 34 3.73 -8.77 20.69
CA LEU A 34 4.82 -8.02 20.05
C LEU A 34 6.27 -8.44 20.40
N LYS A 35 7.20 -8.24 19.47
CA LYS A 35 8.64 -8.41 19.69
C LYS A 35 9.23 -7.17 20.39
N MSE A 36 8.42 -6.11 20.47
CA MSE A 36 8.80 -4.84 21.09
C MSE A 36 9.37 -5.11 22.52
O MSE A 36 8.88 -5.98 23.25
CB MSE A 36 7.59 -3.91 21.25
CG MSE A 36 7.92 -2.61 21.92
SE MSE A 36 6.36 -1.54 22.25
CE MSE A 36 5.64 -2.47 23.80
N GLN A 37 10.45 -4.46 22.83
CA GLN A 37 10.95 -4.58 24.24
C GLN A 37 10.70 -3.22 24.90
N ASP A 38 11.44 -2.23 24.51
CA ASP A 38 11.30 -0.97 25.13
C ASP A 38 10.27 -0.13 24.31
N PRO A 39 9.17 0.34 24.91
CA PRO A 39 8.21 1.19 24.20
C PRO A 39 8.86 2.36 23.40
N LEU A 40 10.01 2.86 23.89
CA LEU A 40 10.77 3.87 23.16
C LEU A 40 11.11 3.54 21.69
N GLU A 41 11.18 2.23 21.36
CA GLU A 41 11.38 1.75 19.97
C GLU A 41 10.33 2.28 19.01
N LEU A 42 9.14 2.61 19.55
CA LEU A 42 8.01 3.08 18.69
C LEU A 42 8.07 4.58 18.39
N GLU A 43 8.98 5.29 19.03
CA GLU A 43 9.08 6.76 18.86
C GLU A 43 9.36 7.12 17.39
N VAL A 44 10.04 6.22 16.65
CA VAL A 44 10.33 6.45 15.22
C VAL A 44 9.02 6.68 14.41
N LEU A 45 7.86 6.25 14.96
CA LEU A 45 6.62 6.33 14.20
C LEU A 45 6.16 7.77 14.20
N LYS A 46 6.74 8.59 15.09
CA LYS A 46 6.43 10.06 15.09
C LYS A 46 7.12 10.78 13.90
N GLU A 47 8.01 10.04 13.25
N GLU A 47 8.02 10.17 13.18
CA GLU A 47 8.95 10.58 12.29
CA GLU A 47 8.63 11.03 12.18
C GLU A 47 8.89 9.80 10.98
C GLU A 47 8.66 10.38 10.81
N VAL A 48 7.66 9.54 10.53
CA VAL A 48 7.55 8.84 9.25
C VAL A 48 7.48 9.86 8.13
N ASP A 49 6.58 10.79 8.24
CA ASP A 49 6.41 11.70 7.07
C ASP A 49 5.86 12.95 7.71
N PRO A 50 6.24 14.12 7.21
CA PRO A 50 5.69 15.30 7.92
C PRO A 50 4.16 15.53 7.76
N CYS A 51 3.54 14.95 6.73
CA CYS A 51 2.07 15.20 6.54
C CYS A 51 1.10 14.54 7.50
N ILE A 52 1.44 13.33 7.96
CA ILE A 52 0.44 12.52 8.64
C ILE A 52 0.90 12.40 10.05
N VAL A 53 0.04 12.76 10.98
CA VAL A 53 0.37 12.75 12.42
C VAL A 53 -0.02 11.32 12.93
N ARG A 54 0.83 10.75 13.82
CA ARG A 54 0.59 9.45 14.47
C ARG A 54 0.81 9.63 15.93
N ASP A 55 -0.23 9.31 16.72
CA ASP A 55 -0.07 9.37 18.16
C ASP A 55 -0.03 7.96 18.66
N ILE A 56 0.79 7.69 19.66
CA ILE A 56 1.11 6.26 20.04
C ILE A 56 0.80 6.20 21.58
N ASP A 57 0.07 5.17 21.99
CA ASP A 57 -0.15 4.96 23.43
C ASP A 57 0.25 3.54 23.74
N VAL A 58 1.33 3.37 24.52
CA VAL A 58 1.77 2.07 25.00
C VAL A 58 1.22 1.95 26.44
N SER A 59 0.19 1.15 26.60
N SER A 59 0.16 1.18 26.59
CA SER A 59 -0.41 0.87 27.92
CA SER A 59 -0.45 0.79 27.89
C SER A 59 0.13 -0.48 28.40
C SER A 59 0.30 -0.35 28.51
N GLU A 60 -0.21 -0.90 29.64
CA GLU A 60 0.30 -2.12 30.11
C GLU A 60 0.00 -3.31 29.22
N ASP A 61 -1.17 -3.35 28.56
CA ASP A 61 -1.54 -4.52 27.79
C ASP A 61 -1.58 -4.30 26.26
N GLU A 62 -1.57 -3.05 25.83
CA GLU A 62 -1.84 -2.82 24.38
C GLU A 62 -1.00 -1.72 23.82
N VAL A 63 -0.80 -1.75 22.50
CA VAL A 63 -0.20 -0.61 21.82
C VAL A 63 -1.29 -0.07 20.86
N LYS A 64 -1.60 1.21 20.98
CA LYS A 64 -2.63 1.91 20.16
C LYS A 64 -1.93 2.98 19.30
N VAL A 65 -2.19 2.96 17.98
CA VAL A 65 -1.66 4.02 17.05
C VAL A 65 -2.92 4.71 16.46
N VAL A 66 -2.96 6.00 16.63
CA VAL A 66 -3.99 6.84 16.10
C VAL A 66 -3.35 7.64 14.96
N ILE A 67 -3.90 7.51 13.76
CA ILE A 67 -3.30 8.06 12.49
C ILE A 67 -4.22 9.09 11.84
N LYS A 68 -3.73 10.33 11.79
CA LYS A 68 -4.50 11.49 11.31
C LYS A 68 -3.84 12.20 10.10
N PRO A 69 -4.24 11.81 8.89
CA PRO A 69 -3.79 12.52 7.69
C PRO A 69 -4.45 13.88 7.58
N PRO A 70 -3.83 14.73 6.77
CA PRO A 70 -4.51 16.02 6.38
C PRO A 70 -5.94 15.74 5.89
N SER A 71 -6.90 16.61 6.28
N SER A 71 -6.89 16.61 6.26
CA SER A 71 -8.31 16.39 5.86
CA SER A 71 -8.27 16.36 5.85
C SER A 71 -8.55 16.41 4.35
C SER A 71 -8.44 16.27 4.33
N SER A 72 -7.63 17.02 3.59
CA SER A 72 -7.73 17.05 2.13
C SER A 72 -7.03 15.93 1.35
N PHE A 73 -6.36 15.00 2.08
CA PHE A 73 -5.84 13.82 1.40
C PHE A 73 -7.00 12.98 0.82
N LEU A 74 -6.73 12.33 -0.33
CA LEU A 74 -7.65 11.46 -1.10
C LEU A 74 -7.40 9.97 -0.80
N THR A 75 -8.48 9.20 -0.72
CA THR A 75 -8.41 7.78 -0.51
C THR A 75 -8.04 7.09 -1.77
N PHE A 76 -7.68 5.81 -1.58
CA PHE A 76 -7.36 4.96 -2.70
C PHE A 76 -8.59 4.89 -3.65
N ALA A 77 -9.77 4.67 -3.10
CA ALA A 77 -10.94 4.59 -4.01
C ALA A 77 -11.19 5.89 -4.81
N ALA A 78 -10.87 7.08 -4.24
CA ALA A 78 -10.96 8.31 -5.02
C ALA A 78 -10.00 8.36 -6.21
N ILE A 79 -8.77 7.88 -6.03
CA ILE A 79 -7.85 7.86 -7.16
C ILE A 79 -8.29 6.87 -8.21
N ARG A 80 -8.90 5.77 -7.76
CA ARG A 80 -9.42 4.72 -8.66
C ARG A 80 -10.47 5.30 -9.68
N LYS A 81 -11.06 6.43 -9.31
CA LYS A 81 -12.01 7.12 -10.19
C LYS A 81 -11.43 8.06 -11.24
N THR A 82 -10.14 8.38 -11.14
CA THR A 82 -9.45 9.25 -12.07
C THR A 82 -9.19 8.48 -13.35
N THR A 83 -8.68 9.18 -14.35
N THR A 83 -8.66 9.15 -14.38
CA THR A 83 -8.15 8.66 -15.60
CA THR A 83 -8.32 8.49 -15.65
C THR A 83 -7.20 7.44 -15.45
C THR A 83 -7.30 7.39 -15.41
N LEU A 84 -7.22 6.47 -16.36
CA LEU A 84 -6.22 5.39 -16.37
C LEU A 84 -4.81 5.97 -16.31
N LEU A 85 -4.53 7.02 -17.11
CA LEU A 85 -3.20 7.63 -17.17
C LEU A 85 -2.73 8.13 -15.79
N SER A 86 -3.68 8.78 -15.13
CA SER A 86 -3.43 9.22 -13.80
C SER A 86 -3.18 8.12 -12.74
N ARG A 87 -4.02 7.10 -12.82
CA ARG A 87 -3.76 5.93 -11.93
C ARG A 87 -2.41 5.26 -12.17
N ILE A 88 -1.96 5.16 -13.43
CA ILE A 88 -0.63 4.51 -13.68
C ILE A 88 0.47 5.40 -13.16
N ARG A 89 0.29 6.73 -13.20
CA ARG A 89 1.35 7.63 -12.71
C ARG A 89 1.43 7.47 -11.22
N ALA A 90 0.27 7.40 -10.55
CA ALA A 90 0.17 7.16 -9.14
C ALA A 90 0.86 5.88 -8.69
N ALA A 91 0.70 4.85 -9.51
CA ALA A 91 1.25 3.51 -9.25
C ALA A 91 2.77 3.56 -9.39
N ILE A 92 3.25 4.31 -10.38
CA ILE A 92 4.71 4.54 -10.48
C ILE A 92 5.34 5.23 -9.26
N HIS A 93 4.73 6.27 -8.75
CA HIS A 93 5.18 6.89 -7.52
C HIS A 93 5.15 5.90 -6.35
N LEU A 94 4.11 5.09 -6.24
CA LEU A 94 4.07 4.04 -5.21
C LEU A 94 5.25 3.09 -5.30
N VAL A 95 5.53 2.63 -6.50
CA VAL A 95 6.60 1.62 -6.66
C VAL A 95 7.93 2.30 -6.35
N SER A 96 8.09 3.55 -6.78
N SER A 96 8.12 3.49 -6.92
CA SER A 96 9.30 4.32 -6.42
CA SER A 96 9.37 4.20 -6.65
C SER A 96 9.54 4.60 -4.92
C SER A 96 9.54 4.48 -5.16
N LYS A 97 8.49 4.52 -4.10
N LYS A 97 8.49 4.99 -4.50
CA LYS A 97 8.59 4.85 -2.67
CA LYS A 97 8.59 5.32 -3.07
C LYS A 97 8.97 3.65 -1.84
C LYS A 97 9.02 4.08 -2.34
N VAL A 98 8.61 2.47 -2.33
N VAL A 98 8.38 2.95 -2.66
CA VAL A 98 8.86 1.28 -1.57
CA VAL A 98 8.70 1.71 -2.01
C VAL A 98 10.01 0.48 -2.14
C VAL A 98 10.16 1.29 -2.34
N LYS A 99 10.58 0.98 -3.22
N LYS A 99 10.63 1.65 -3.52
N LYS A 99 11.03 0.84 -3.24
CA LYS A 99 11.62 0.27 -3.97
CA LYS A 99 12.04 1.39 -3.86
CA LYS A 99 12.34 0.88 -3.93
C LYS A 99 12.81 -0.10 -3.08
C LYS A 99 12.92 1.62 -2.60
C LYS A 99 12.98 2.25 -3.82
N HIS A 100 12.97 0.63 -1.99
N HIS A 100 13.75 0.62 -2.30
CA HIS A 100 14.14 0.45 -1.14
CA HIS A 100 14.70 0.57 -1.16
C HIS A 100 13.74 0.25 0.31
C HIS A 100 14.21 0.66 0.31
N HIS A 101 14.62 -0.35 1.10
CA HIS A 101 14.37 -0.42 2.56
C HIS A 101 14.69 0.93 3.27
N SER A 102 13.97 1.17 4.36
CA SER A 102 14.26 2.29 5.26
C SER A 102 15.51 2.01 6.06
N ALA A 103 16.32 3.04 6.34
CA ALA A 103 17.49 2.89 7.24
C ALA A 103 17.10 3.13 8.70
N ARG A 104 15.86 3.58 8.88
CA ARG A 104 15.40 4.01 10.21
C ARG A 104 14.44 3.00 10.85
N ARG A 105 14.59 1.69 10.56
N ARG A 105 14.59 1.71 10.51
CA ARG A 105 13.80 0.63 11.20
CA ARG A 105 13.84 0.64 11.16
C ARG A 105 12.33 0.53 10.65
C ARG A 105 12.33 0.67 10.79
N LEU A 106 11.96 1.40 9.75
CA LEU A 106 10.52 1.43 9.28
C LEU A 106 10.26 0.36 8.21
N ILE A 107 9.15 -0.36 8.30
CA ILE A 107 8.85 -1.45 7.35
C ILE A 107 7.48 -1.24 6.76
N PHE A 108 7.36 -1.27 5.43
N PHE A 108 7.38 -1.25 5.42
CA PHE A 108 6.09 -0.88 4.80
CA PHE A 108 6.10 -0.97 4.75
C PHE A 108 5.19 -2.04 4.40
C PHE A 108 5.19 -2.18 4.60
N ILE A 109 3.89 -1.91 4.70
CA ILE A 109 2.84 -2.87 4.26
C ILE A 109 1.97 -2.14 3.25
N VAL A 110 1.83 -2.75 2.05
CA VAL A 110 1.19 -2.05 0.95
C VAL A 110 -0.16 -2.71 0.62
N CYS A 111 -1.23 -1.96 0.74
CA CYS A 111 -2.56 -2.42 0.37
C CYS A 111 -3.44 -1.16 0.28
N PRO A 112 -4.59 -1.25 -0.41
CA PRO A 112 -5.41 -0.05 -0.63
C PRO A 112 -5.90 0.58 0.68
N GLU A 113 -6.14 -0.23 1.71
CA GLU A 113 -6.70 0.30 2.98
C GLU A 113 -5.64 1.15 3.68
N ASN A 114 -4.38 0.90 3.34
CA ASN A 114 -3.28 1.57 4.03
C ASN A 114 -2.69 2.76 3.32
N LEU A 115 -3.36 3.19 2.24
CA LEU A 115 -2.78 4.27 1.47
C LEU A 115 -3.69 5.48 1.33
N MSE A 116 -3.12 6.68 1.43
N MSE A 116 -3.11 6.68 1.45
CA MSE A 116 -3.85 7.90 1.00
CA MSE A 116 -3.79 7.98 1.15
C MSE A 116 -2.95 8.74 0.12
C MSE A 116 -2.96 8.72 0.11
O MSE A 116 -1.73 8.47 0.05
O MSE A 116 -1.78 8.36 -0.07
CB MSE A 116 -4.37 8.69 2.20
CB MSE A 116 -3.90 8.83 2.41
CG MSE A 116 -5.26 7.89 3.13
CG MSE A 116 -4.63 8.14 3.54
SE MSE A 116 -6.23 9.13 4.27
SE MSE A 116 -6.47 7.80 3.04
CE MSE A 116 -7.24 10.02 2.86
CE MSE A 116 -7.40 9.46 3.53
N PHE A 117 -3.50 9.75 -0.57
CA PHE A 117 -2.76 10.46 -1.63
C PHE A 117 -2.87 11.94 -1.48
N ASN A 118 -1.83 12.67 -1.83
CA ASN A 118 -1.87 14.15 -1.68
C ASN A 118 -2.37 14.71 -2.96
N ARG A 119 -2.37 16.06 -3.05
N ARG A 119 -2.44 16.04 -3.07
CA ARG A 119 -2.85 16.80 -4.22
CA ARG A 119 -2.91 16.68 -4.30
C ARG A 119 -2.07 16.47 -5.51
C ARG A 119 -2.12 16.17 -5.53
N ALA A 120 -0.79 16.05 -5.39
CA ALA A 120 0.08 15.65 -6.53
C ALA A 120 0.11 14.14 -6.80
N LEU A 121 -0.87 13.44 -6.24
CA LEU A 121 -1.03 11.95 -6.35
C LEU A 121 0.16 11.13 -5.85
N GLU A 122 0.97 11.70 -4.98
N GLU A 122 0.89 11.70 -4.92
N GLU A 122 0.86 11.72 -4.89
CA GLU A 122 2.02 10.90 -4.42
CA GLU A 122 1.99 11.01 -4.31
CA GLU A 122 1.92 11.09 -4.14
C GLU A 122 1.38 10.17 -3.23
C GLU A 122 1.41 10.21 -3.12
C GLU A 122 1.31 10.17 -3.08
N PRO A 123 1.76 8.91 -3.03
CA PRO A 123 1.11 8.11 -1.96
C PRO A 123 1.77 8.21 -0.61
N PHE A 124 0.97 8.07 0.44
CA PHE A 124 1.39 8.01 1.80
C PHE A 124 0.80 6.82 2.50
N PHE A 125 1.57 6.20 3.38
CA PHE A 125 1.05 5.10 4.17
C PHE A 125 0.46 5.55 5.46
N LEU A 126 -0.58 4.90 5.89
CA LEU A 126 -1.18 5.12 7.12
C LEU A 126 -0.42 4.42 8.24
N HIS A 127 -0.50 3.12 8.28
CA HIS A 127 0.23 2.34 9.29
C HIS A 127 1.62 1.92 8.75
N VAL A 128 2.64 1.99 9.63
CA VAL A 128 4.02 1.53 9.23
C VAL A 128 4.52 0.68 10.36
N GLY A 129 5.15 -0.48 9.99
CA GLY A 129 5.82 -1.37 11.01
C GLY A 129 7.20 -0.86 11.43
N VAL A 130 7.64 -1.43 12.57
CA VAL A 130 8.95 -1.16 13.12
C VAL A 130 9.70 -2.41 13.29
N LYS A 131 10.85 -2.44 12.63
CA LYS A 131 11.67 -3.68 12.73
C LYS A 131 11.91 -4.18 14.14
N GLU A 132 11.62 -5.47 14.34
CA GLU A 132 11.77 -6.21 15.64
C GLU A 132 10.87 -5.62 16.78
N SER A 133 9.83 -4.85 16.41
CA SER A 133 9.02 -4.21 17.39
C SER A 133 7.50 -4.29 17.12
N LEU A 134 7.05 -3.96 15.92
CA LEU A 134 5.62 -3.77 15.67
C LEU A 134 5.36 -4.22 14.26
N PRO A 135 4.44 -5.12 14.07
CA PRO A 135 4.25 -5.66 12.69
C PRO A 135 3.83 -4.55 11.70
N PRO A 136 4.28 -4.66 10.45
CA PRO A 136 5.20 -5.74 9.97
C PRO A 136 6.58 -5.48 10.56
N ASP A 137 7.12 -6.49 11.21
CA ASP A 137 8.34 -6.27 12.04
C ASP A 137 9.62 -6.95 11.50
N GLU A 138 9.57 -7.56 10.32
N GLU A 138 9.52 -7.48 10.30
CA GLU A 138 10.80 -8.02 9.64
CA GLU A 138 10.65 -8.05 9.58
C GLU A 138 10.60 -7.92 8.14
C GLU A 138 10.54 -7.71 8.08
N TRP A 139 11.69 -7.61 7.43
CA TRP A 139 11.64 -7.53 5.97
C TRP A 139 11.20 -8.83 5.34
N ASP A 140 10.44 -8.68 4.23
CA ASP A 140 10.09 -9.84 3.38
C ASP A 140 9.86 -9.23 2.01
N ASP A 141 10.93 -9.25 1.23
CA ASP A 141 10.83 -8.62 -0.09
C ASP A 141 9.82 -9.25 -1.01
N GLU A 142 9.63 -10.56 -0.85
CA GLU A 142 8.70 -11.25 -1.71
C GLU A 142 7.26 -10.87 -1.38
N ARG A 143 6.89 -10.81 -0.10
N ARG A 143 6.96 -10.84 -0.08
N ARG A 143 6.93 -10.81 -0.08
N ARG A 143 6.94 -10.81 -0.09
CA ARG A 143 5.52 -10.38 0.20
CA ARG A 143 5.64 -10.39 0.40
CA ARG A 143 5.59 -10.37 0.33
CA ARG A 143 5.60 -10.39 0.33
C ARG A 143 5.31 -8.92 -0.18
C ARG A 143 5.35 -8.98 -0.11
C ARG A 143 5.34 -8.95 -0.14
C ARG A 143 5.32 -8.94 -0.09
N LEU A 144 6.32 -8.07 0.03
CA LEU A 144 6.18 -6.64 -0.43
C LEU A 144 5.96 -6.55 -1.92
N LEU A 145 6.73 -7.37 -2.68
CA LEU A 145 6.56 -7.40 -4.13
C LEU A 145 5.16 -7.84 -4.53
N ARG A 146 4.61 -8.89 -3.91
N ARG A 146 4.64 -8.89 -3.90
N ARG A 146 4.67 -8.91 -3.89
CA ARG A 146 3.26 -9.33 -4.30
CA ARG A 146 3.31 -9.36 -4.25
CA ARG A 146 3.31 -9.42 -4.12
C ARG A 146 2.14 -8.44 -3.78
C ARG A 146 2.25 -8.30 -3.87
C ARG A 146 2.32 -8.27 -3.88
N GLU A 147 2.37 -7.73 -2.67
CA GLU A 147 1.43 -6.66 -2.27
C GLU A 147 1.43 -5.49 -3.23
N VAL A 148 2.63 -5.08 -3.63
CA VAL A 148 2.72 -3.98 -4.57
C VAL A 148 2.06 -4.29 -5.92
N LYS A 149 2.31 -5.51 -6.44
CA LYS A 149 1.73 -5.93 -7.74
C LYS A 149 0.19 -5.91 -7.61
N ALA A 150 -0.32 -6.46 -6.51
CA ALA A 150 -1.77 -6.55 -6.34
C ALA A 150 -2.34 -5.15 -6.21
N THR A 151 -1.67 -4.30 -5.41
CA THR A 151 -2.13 -2.90 -5.18
C THR A 151 -2.13 -2.07 -6.47
N VAL A 152 -1.06 -2.20 -7.23
CA VAL A 152 -0.98 -1.51 -8.51
C VAL A 152 -2.05 -2.02 -9.49
N LEU A 153 -2.26 -3.34 -9.56
CA LEU A 153 -3.35 -3.88 -10.43
C LEU A 153 -4.71 -3.41 -9.95
N ALA A 154 -4.94 -3.42 -8.66
CA ALA A 154 -6.19 -2.89 -8.13
C ALA A 154 -6.38 -1.40 -8.49
N LEU A 155 -5.31 -0.62 -8.53
CA LEU A 155 -5.44 0.80 -8.82
C LEU A 155 -5.62 1.09 -10.33
N THR A 156 -4.95 0.31 -11.17
CA THR A 156 -4.78 0.61 -12.61
C THR A 156 -5.80 -0.16 -13.43
N GLU A 157 -5.52 -1.43 -13.67
N GLU A 157 -5.59 -1.44 -13.65
CA GLU A 157 -6.45 -2.36 -14.35
CA GLU A 157 -6.59 -2.21 -14.42
C GLU A 157 -7.81 -2.34 -13.67
C GLU A 157 -7.90 -2.35 -13.65
N GLY A 158 -7.78 -2.54 -12.36
CA GLY A 158 -8.91 -2.52 -11.49
C GLY A 158 -10.09 -3.43 -11.88
N GLU A 159 -9.83 -4.63 -12.39
N GLU A 159 -9.76 -4.62 -12.39
CA GLU A 159 -10.97 -5.51 -12.68
CA GLU A 159 -10.72 -5.68 -12.76
C GLU A 159 -11.25 -6.50 -11.55
C GLU A 159 -11.28 -6.32 -11.50
N TYR A 160 -10.42 -6.47 -10.50
CA TYR A 160 -10.68 -7.24 -9.29
C TYR A 160 -10.18 -6.43 -8.07
N ARG A 161 -10.59 -6.86 -6.89
N ARG A 161 -10.54 -6.91 -6.90
N ARG A 161 -10.58 -6.85 -6.89
N ARG A 161 -10.61 -6.80 -6.88
CA ARG A 161 -10.16 -6.30 -5.60
CA ARG A 161 -10.16 -6.33 -5.62
CA ARG A 161 -10.16 -6.22 -5.64
CA ARG A 161 -10.14 -6.09 -5.69
C ARG A 161 -8.71 -6.63 -5.38
C ARG A 161 -8.72 -6.68 -5.34
C ARG A 161 -8.74 -6.66 -5.33
C ARG A 161 -8.81 -6.67 -5.25
N PHE A 162 -8.05 -5.85 -4.53
CA PHE A 162 -6.70 -6.22 -4.07
C PHE A 162 -6.61 -7.69 -3.63
N ASP A 163 -7.51 -8.18 -2.75
N ASP A 163 -7.55 -8.13 -2.81
CA ASP A 163 -7.35 -9.56 -2.18
CA ASP A 163 -7.45 -9.42 -2.16
C ASP A 163 -7.39 -10.60 -3.28
C ASP A 163 -7.55 -10.59 -3.15
N GLU A 164 -8.25 -10.36 -4.26
CA GLU A 164 -8.41 -11.34 -5.38
C GLU A 164 -7.17 -11.34 -6.26
N TYR A 165 -6.63 -10.17 -6.63
CA TYR A 165 -5.36 -10.18 -7.35
C TYR A 165 -4.24 -10.80 -6.56
N LEU A 166 -4.22 -10.53 -5.27
CA LEU A 166 -3.10 -10.99 -4.43
C LEU A 166 -3.07 -12.53 -4.36
N LYS A 167 -4.25 -13.03 -4.01
N LYS A 167 -4.16 -13.12 -3.92
N LYS A 167 -4.15 -13.15 -3.92
CA LYS A 167 -4.52 -14.37 -3.47
CA LYS A 167 -4.09 -14.54 -3.58
CA LYS A 167 -4.05 -14.59 -3.65
C LYS A 167 -4.69 -15.35 -4.61
C LYS A 167 -4.91 -15.42 -4.52
C LYS A 167 -4.44 -15.41 -4.87
N PHE A 168 -5.33 -14.85 -5.65
CA PHE A 168 -5.98 -15.62 -6.71
C PHE A 168 -5.57 -15.34 -8.16
N HIS A 169 -4.54 -14.52 -8.38
CA HIS A 169 -4.26 -14.10 -9.74
C HIS A 169 -3.96 -15.21 -10.74
N GLU A 170 -3.56 -16.38 -10.26
CA GLU A 170 -3.24 -17.48 -11.19
C GLU A 170 -4.51 -18.15 -11.73
N THR A 171 -5.67 -17.76 -11.18
CA THR A 171 -6.95 -18.43 -11.54
C THR A 171 -7.97 -17.54 -12.24
N LEU A 172 -7.66 -16.23 -12.28
CA LEU A 172 -8.55 -15.17 -12.81
C LEU A 172 -8.20 -14.69 -14.23
N LYS A 173 -8.93 -13.71 -14.74
N LYS A 173 -8.95 -13.73 -14.75
CA LYS A 173 -8.82 -13.29 -16.14
CA LYS A 173 -8.80 -13.28 -16.15
C LYS A 173 -7.68 -12.31 -16.46
C LYS A 173 -7.67 -12.29 -16.42
N CYS A 174 -6.45 -12.83 -16.37
CA CYS A 174 -5.20 -12.09 -16.67
C CYS A 174 -5.21 -11.34 -18.03
N SER A 175 -4.90 -10.04 -17.98
CA SER A 175 -4.69 -9.22 -19.20
C SER A 175 -3.19 -9.11 -19.61
N PRO A 176 -2.87 -8.69 -20.86
CA PRO A 176 -1.43 -8.74 -21.23
C PRO A 176 -0.43 -7.95 -20.32
N ILE A 177 -0.66 -6.65 -20.13
CA ILE A 177 0.19 -5.84 -19.21
C ILE A 177 0.11 -6.33 -17.76
N ALA A 178 -1.08 -6.70 -17.30
CA ALA A 178 -1.20 -7.32 -16.01
C ALA A 178 -0.25 -8.50 -15.93
N LYS A 179 -0.24 -9.32 -16.99
CA LYS A 179 0.59 -10.55 -17.03
C LYS A 179 2.05 -10.20 -16.92
N GLU A 180 2.43 -9.13 -17.60
CA GLU A 180 3.76 -8.59 -17.52
C GLU A 180 4.07 -8.17 -16.10
N LEU A 181 3.11 -7.50 -15.46
CA LEU A 181 3.32 -7.10 -14.06
C LEU A 181 3.51 -8.27 -13.08
N TRP A 182 2.61 -9.27 -13.07
CA TRP A 182 2.85 -10.48 -12.23
C TRP A 182 4.15 -11.20 -12.50
N GLN A 183 4.52 -11.22 -13.78
N GLN A 183 4.56 -11.24 -13.77
CA GLN A 183 5.75 -11.85 -14.25
CA GLN A 183 5.78 -11.98 -14.10
C GLN A 183 7.00 -11.24 -13.65
C GLN A 183 7.08 -11.16 -13.96
N ALA A 184 6.94 -9.93 -13.39
CA ALA A 184 8.14 -9.14 -13.08
C ALA A 184 8.85 -9.69 -11.82
N ASP A 185 10.17 -9.64 -11.88
N ASP A 185 10.18 -9.80 -11.83
CA ASP A 185 11.11 -10.35 -11.03
CA ASP A 185 10.97 -10.51 -10.76
C ASP A 185 11.31 -9.68 -9.63
C ASP A 185 11.20 -9.67 -9.48
N HIS A 186 11.24 -8.35 -9.67
CA HIS A 186 11.56 -7.47 -8.58
C HIS A 186 10.90 -6.12 -8.87
N LEU A 187 11.03 -5.20 -7.92
CA LEU A 187 10.35 -3.92 -8.01
C LEU A 187 10.83 -3.11 -9.17
N ASP A 188 12.11 -3.21 -9.50
CA ASP A 188 12.58 -2.46 -10.67
C ASP A 188 11.91 -2.97 -11.94
N ALA A 189 11.70 -4.29 -12.05
CA ALA A 189 11.05 -4.78 -13.31
C ALA A 189 9.60 -4.45 -13.29
N VAL A 190 9.01 -4.29 -12.10
CA VAL A 190 7.62 -3.83 -12.01
C VAL A 190 7.62 -2.41 -12.55
N LEU A 191 8.61 -1.61 -12.11
CA LEU A 191 8.71 -0.22 -12.55
C LEU A 191 8.93 -0.12 -14.08
N ALA A 192 9.78 -0.96 -14.67
CA ALA A 192 9.93 -0.99 -16.16
C ALA A 192 8.64 -1.27 -16.94
N VAL A 193 7.82 -2.20 -16.42
CA VAL A 193 6.58 -2.63 -17.08
C VAL A 193 5.61 -1.44 -17.03
N LEU A 194 5.46 -0.84 -15.85
CA LEU A 194 4.67 0.37 -15.72
C LEU A 194 5.14 1.50 -16.64
N GLU A 195 6.46 1.64 -16.84
CA GLU A 195 6.93 2.76 -17.62
C GLU A 195 6.54 2.61 -19.06
N LYS A 196 6.64 1.39 -19.60
N LYS A 196 6.66 1.39 -19.58
CA LYS A 196 6.20 1.18 -20.98
CA LYS A 196 6.24 1.11 -20.94
C LYS A 196 4.69 1.38 -21.09
C LYS A 196 4.72 1.32 -21.09
N TRP A 197 3.97 0.99 -20.04
CA TRP A 197 2.50 1.21 -20.01
C TRP A 197 2.10 2.67 -19.97
N VAL A 198 2.79 3.51 -19.19
CA VAL A 198 2.31 4.91 -19.00
C VAL A 198 2.56 5.61 -20.35
N ASP A 199 3.70 5.27 -21.00
CA ASP A 199 4.02 5.83 -22.34
C ASP A 199 2.91 5.50 -23.34
N GLU A 200 2.47 4.23 -23.36
CA GLU A 200 1.43 3.79 -24.26
C GLU A 200 0.14 4.54 -24.01
N GLU A 201 -0.16 4.66 -22.73
CA GLU A 201 -1.41 5.28 -22.35
C GLU A 201 -1.38 6.79 -22.57
N GLU A 202 -0.23 7.41 -22.36
CA GLU A 202 -0.10 8.86 -22.63
C GLU A 202 -0.27 9.16 -24.15
N ALA A 203 0.26 8.31 -25.00
CA ALA A 203 0.12 8.52 -26.49
C ALA A 203 -1.36 8.46 -26.84
N LYS A 204 -2.12 7.55 -26.21
CA LYS A 204 -3.57 7.42 -26.50
C LYS A 204 -4.38 8.64 -26.10
N GLU A 205 -4.12 9.19 -24.92
CA GLU A 205 -4.85 10.35 -24.45
C GLU A 205 -4.52 11.55 -25.31
N ARG A 206 -3.26 11.69 -25.75
CA ARG A 206 -2.88 12.80 -26.63
C ARG A 206 -3.63 12.77 -27.97
N ALA A 207 -3.88 11.56 -28.48
CA ALA A 207 -4.51 11.45 -29.79
C ALA A 207 -5.92 12.06 -29.74
N LYS A 208 -6.47 12.13 -28.51
CA LYS A 208 -7.83 12.67 -28.28
C LYS A 208 -7.87 14.21 -28.35
N VAL A 209 -6.71 14.87 -28.43
CA VAL A 209 -6.75 16.32 -28.64
C VAL A 209 -6.18 16.73 -30.03
N HIS A 210 -6.18 15.78 -30.97
CA HIS A 210 -5.94 16.11 -32.36
C HIS A 210 -6.99 15.47 -33.20
N ILE A 211 -7.34 16.16 -34.27
CA ILE A 211 -8.31 15.64 -35.19
C ILE A 211 -7.63 15.28 -36.53
N PRO A 212 -7.30 13.96 -36.74
CA PRO A 212 -6.82 13.48 -38.04
C PRO A 212 -7.89 13.77 -39.09
N LYS A 213 -7.67 14.74 -39.97
CA LYS A 213 -6.36 15.31 -40.33
C LYS A 213 -6.46 15.94 -41.73
CL CL B . -0.32 16.44 -27.63
NA NA C . 16.12 -9.90 1.40
#